data_1OG3
#
_entry.id   1OG3
#
_cell.length_a   81.707
_cell.length_b   81.707
_cell.length_c   77.810
_cell.angle_alpha   90.00
_cell.angle_beta   90.00
_cell.angle_gamma   120.00
#
_symmetry.space_group_name_H-M   'P 31 2 1'
#
loop_
_entity.id
_entity.type
_entity.pdbx_description
1 polymer 'T-CELL ECTO-ADP-RIBOSYLTRANSFERASE 2'
2 non-polymer NICOTINAMIDE-ADENINE-DINUCLEOTIDE
3 water water
#
_entity_poly.entity_id   1
_entity_poly.type   'polypeptide(L)'
_entity_poly.pdbx_seq_one_letter_code
;LTGPLMLDTAPNAFDDQYEGCVNKMEEKAPLLLQEDFNMNAKLKVAWEEAKKRWNNIKPSRSYPKGFNDFHGTALVAYTG
SIAVDFNRAVREFKENPGQFHYKAFHYYLTRALQLLSNGDCHSVYRGTKTRFHYTGAGSVRFGQFTSSSLSKKVAQSQEF
FSDHGTLFIIKTCLGVYIKEFSFRPDQEIVLIPGYEVYQKVRTQGYNEIFLDSPKRKKSNYNCLYS
;
_entity_poly.pdbx_strand_id   A
#
# COMPACT_ATOMS: atom_id res chain seq x y z
N PRO A 4 5.36 13.68 -15.80
CA PRO A 4 5.08 14.06 -14.38
C PRO A 4 3.70 13.58 -13.94
N LEU A 5 3.56 13.29 -12.65
CA LEU A 5 2.30 12.83 -12.08
C LEU A 5 1.88 13.84 -11.03
N MET A 6 0.58 13.96 -10.80
CA MET A 6 0.06 14.91 -9.82
C MET A 6 0.06 14.32 -8.42
N LEU A 7 0.29 15.18 -7.43
CA LEU A 7 0.30 14.79 -6.03
C LEU A 7 -0.81 15.62 -5.39
N ASP A 8 -1.88 14.96 -4.99
CA ASP A 8 -3.04 15.63 -4.40
C ASP A 8 -3.67 14.76 -3.30
N THR A 9 -4.95 14.97 -3.04
CA THR A 9 -5.65 14.21 -2.01
C THR A 9 -6.16 12.87 -2.56
N ALA A 10 -5.70 12.51 -3.76
CA ALA A 10 -6.11 11.27 -4.42
C ALA A 10 -7.60 11.06 -4.26
N PRO A 11 -8.41 11.95 -4.83
CA PRO A 11 -9.88 11.88 -4.76
C PRO A 11 -10.54 10.70 -5.46
N ASN A 12 -9.83 10.06 -6.40
CA ASN A 12 -10.42 8.94 -7.12
C ASN A 12 -9.95 7.54 -6.73
N ALA A 13 -9.03 7.47 -5.78
CA ALA A 13 -8.49 6.18 -5.34
C ALA A 13 -9.41 5.38 -4.41
N PHE A 14 -9.48 4.07 -4.64
CA PHE A 14 -10.28 3.18 -3.79
C PHE A 14 -9.47 3.16 -2.51
N ASP A 15 -9.99 3.80 -1.46
CA ASP A 15 -9.31 3.96 -0.19
C ASP A 15 -9.96 3.31 1.03
N ASP A 16 -10.80 2.31 0.81
CA ASP A 16 -11.52 1.64 1.89
C ASP A 16 -10.67 1.27 3.12
N GLN A 17 -11.11 1.71 4.29
CA GLN A 17 -10.43 1.43 5.55
C GLN A 17 -11.22 0.33 6.27
N TYR A 18 -12.39 0.02 5.71
CA TYR A 18 -13.27 -1.02 6.23
C TYR A 18 -13.73 -0.80 7.67
N GLU A 19 -14.21 0.40 7.95
CA GLU A 19 -14.68 0.70 9.29
C GLU A 19 -16.08 0.18 9.54
N GLY A 20 -16.20 -0.74 10.50
CA GLY A 20 -17.49 -1.31 10.83
C GLY A 20 -17.89 -2.55 10.04
N CYS A 21 -16.99 -3.09 9.23
CA CYS A 21 -17.35 -4.28 8.46
C CYS A 21 -16.29 -5.38 8.42
N VAL A 22 -15.26 -5.24 9.25
CA VAL A 22 -14.20 -6.25 9.31
C VAL A 22 -14.75 -7.68 9.45
N ASN A 23 -15.73 -7.87 10.34
CA ASN A 23 -16.30 -9.19 10.55
C ASN A 23 -17.02 -9.70 9.32
N LYS A 24 -17.79 -8.83 8.69
CA LYS A 24 -18.54 -9.21 7.51
C LYS A 24 -17.61 -9.47 6.33
N MET A 25 -16.52 -8.73 6.27
CA MET A 25 -15.56 -8.92 5.18
C MET A 25 -14.81 -10.24 5.33
N GLU A 26 -14.27 -10.49 6.53
CA GLU A 26 -13.52 -11.73 6.76
C GLU A 26 -14.35 -12.94 6.35
N GLU A 27 -15.66 -12.77 6.34
CA GLU A 27 -16.55 -13.85 5.99
C GLU A 27 -16.87 -13.85 4.49
N LYS A 28 -16.90 -12.66 3.91
CA LYS A 28 -17.23 -12.52 2.50
C LYS A 28 -16.02 -12.54 1.56
N ALA A 29 -14.92 -11.94 2.00
CA ALA A 29 -13.69 -11.88 1.20
C ALA A 29 -13.22 -13.20 0.57
N PRO A 30 -13.46 -14.35 1.25
CA PRO A 30 -13.01 -15.59 0.63
C PRO A 30 -13.70 -15.83 -0.71
N LEU A 31 -15.00 -15.57 -0.75
CA LEU A 31 -15.77 -15.75 -1.98
C LEU A 31 -15.26 -14.70 -2.96
N LEU A 32 -15.16 -13.46 -2.49
CA LEU A 32 -14.68 -12.35 -3.30
C LEU A 32 -13.34 -12.69 -3.96
N LEU A 33 -12.45 -13.36 -3.22
CA LEU A 33 -11.16 -13.71 -3.75
C LEU A 33 -11.29 -14.63 -4.95
N GLN A 34 -12.26 -15.55 -4.89
CA GLN A 34 -12.47 -16.48 -6.00
C GLN A 34 -12.90 -15.68 -7.23
N GLU A 35 -13.82 -14.74 -7.03
CA GLU A 35 -14.30 -13.88 -8.12
C GLU A 35 -13.15 -13.08 -8.72
N ASP A 36 -12.25 -12.59 -7.86
CA ASP A 36 -11.12 -11.83 -8.34
C ASP A 36 -10.28 -12.68 -9.29
N PHE A 37 -9.90 -13.88 -8.83
CA PHE A 37 -9.09 -14.81 -9.61
C PHE A 37 -9.69 -15.13 -10.96
N ASN A 38 -11.00 -15.36 -10.99
CA ASN A 38 -11.69 -15.69 -12.23
C ASN A 38 -11.57 -14.60 -13.28
N MET A 39 -11.37 -13.36 -12.85
CA MET A 39 -11.26 -12.24 -13.76
C MET A 39 -9.88 -11.61 -13.76
N ASN A 40 -8.95 -12.22 -13.02
CA ASN A 40 -7.62 -11.64 -12.92
C ASN A 40 -6.55 -12.73 -12.87
N ALA A 41 -6.13 -13.22 -14.04
CA ALA A 41 -5.12 -14.28 -14.12
C ALA A 41 -3.80 -13.93 -13.43
N LYS A 42 -3.29 -12.73 -13.67
CA LYS A 42 -2.02 -12.32 -13.07
C LYS A 42 -2.09 -12.42 -11.55
N LEU A 43 -3.15 -11.86 -10.97
CA LEU A 43 -3.32 -11.90 -9.52
C LEU A 43 -3.29 -13.37 -9.04
N LYS A 44 -4.06 -14.22 -9.72
CA LYS A 44 -4.09 -15.62 -9.33
C LYS A 44 -2.68 -16.20 -9.25
N VAL A 45 -1.88 -15.98 -10.29
CA VAL A 45 -0.52 -16.48 -10.32
C VAL A 45 0.30 -15.92 -9.17
N ALA A 46 0.24 -14.60 -9.03
CA ALA A 46 0.98 -13.93 -7.98
C ALA A 46 0.60 -14.50 -6.60
N TRP A 47 -0.69 -14.69 -6.39
CA TRP A 47 -1.17 -15.22 -5.12
C TRP A 47 -0.72 -16.66 -4.85
N GLU A 48 -0.88 -17.54 -5.84
CA GLU A 48 -0.46 -18.93 -5.65
C GLU A 48 1.00 -19.02 -5.26
N GLU A 49 1.85 -18.24 -5.93
CA GLU A 49 3.26 -18.25 -5.59
C GLU A 49 3.49 -17.63 -4.23
N ALA A 50 2.78 -16.55 -3.96
CA ALA A 50 2.90 -15.86 -2.67
C ALA A 50 2.49 -16.81 -1.56
N LYS A 51 1.47 -17.62 -1.81
CA LYS A 51 0.97 -18.57 -0.82
C LYS A 51 2.07 -19.54 -0.37
N LYS A 52 2.81 -20.07 -1.33
CA LYS A 52 3.88 -21.01 -1.01
C LYS A 52 4.87 -20.33 -0.09
N ARG A 53 5.40 -19.20 -0.55
CA ARG A 53 6.36 -18.40 0.20
C ARG A 53 5.91 -18.17 1.65
N TRP A 54 4.65 -17.80 1.82
CA TRP A 54 4.08 -17.53 3.14
C TRP A 54 4.10 -18.78 4.03
N ASN A 55 3.88 -19.95 3.44
CA ASN A 55 3.90 -21.17 4.23
C ASN A 55 5.29 -21.29 4.87
N ASN A 56 6.32 -20.91 4.13
CA ASN A 56 7.70 -20.97 4.61
C ASN A 56 8.03 -19.93 5.67
N ILE A 57 7.44 -18.75 5.56
CA ILE A 57 7.68 -17.65 6.47
C ILE A 57 6.90 -17.73 7.79
N LYS A 58 5.64 -18.15 7.68
CA LYS A 58 4.75 -18.24 8.84
C LYS A 58 5.23 -18.93 10.14
N PRO A 59 6.01 -20.03 10.03
CA PRO A 59 6.49 -20.72 11.23
C PRO A 59 7.57 -20.04 12.07
N SER A 60 8.31 -19.10 11.48
CA SER A 60 9.39 -18.44 12.19
C SER A 60 8.96 -17.34 13.15
N ARG A 61 7.66 -17.06 13.22
CA ARG A 61 7.20 -16.01 14.12
C ARG A 61 5.71 -16.07 14.41
N SER A 62 5.29 -15.32 15.41
CA SER A 62 3.89 -15.24 15.79
C SER A 62 3.27 -13.95 15.22
N TYR A 63 2.01 -14.04 14.80
CA TYR A 63 1.30 -12.90 14.24
C TYR A 63 0.10 -12.49 15.08
N PRO A 64 -0.38 -11.24 14.91
CA PRO A 64 -1.53 -10.70 15.65
C PRO A 64 -2.76 -11.61 15.63
N LYS A 65 -3.58 -11.52 16.67
CA LYS A 65 -4.78 -12.32 16.72
C LYS A 65 -5.59 -11.94 15.48
N GLY A 66 -6.20 -12.92 14.83
CA GLY A 66 -6.98 -12.62 13.64
C GLY A 66 -6.16 -12.56 12.37
N PHE A 67 -4.85 -12.36 12.50
CA PHE A 67 -3.98 -12.31 11.34
C PHE A 67 -3.90 -13.74 10.81
N ASN A 68 -4.53 -13.97 9.66
CA ASN A 68 -4.60 -15.29 9.04
C ASN A 68 -3.78 -15.40 7.75
N ASP A 69 -3.86 -16.56 7.10
CA ASP A 69 -3.11 -16.79 5.88
C ASP A 69 -3.45 -15.84 4.74
N PHE A 70 -4.70 -15.36 4.71
CA PHE A 70 -5.10 -14.41 3.69
C PHE A 70 -4.31 -13.11 3.87
N HIS A 71 -4.22 -12.63 5.11
CA HIS A 71 -3.48 -11.41 5.39
C HIS A 71 -2.01 -11.63 5.06
N GLY A 72 -1.49 -12.78 5.46
CA GLY A 72 -0.09 -13.09 5.21
C GLY A 72 0.21 -13.24 3.72
N THR A 73 -0.60 -14.02 3.03
CA THR A 73 -0.39 -14.22 1.61
C THR A 73 -0.53 -12.91 0.83
N ALA A 74 -1.54 -12.11 1.19
CA ALA A 74 -1.76 -10.84 0.52
C ALA A 74 -0.55 -9.93 0.64
N LEU A 75 0.02 -9.85 1.84
CA LEU A 75 1.18 -9.00 2.09
C LEU A 75 2.41 -9.46 1.32
N VAL A 76 2.70 -10.76 1.36
CA VAL A 76 3.87 -11.27 0.64
C VAL A 76 3.67 -10.93 -0.85
N ALA A 77 2.46 -11.10 -1.34
CA ALA A 77 2.16 -10.82 -2.73
C ALA A 77 2.44 -9.36 -3.11
N TYR A 78 2.08 -8.43 -2.23
CA TYR A 78 2.28 -7.03 -2.53
C TYR A 78 3.76 -6.68 -2.71
N THR A 79 4.63 -7.31 -1.92
CA THR A 79 6.07 -7.06 -2.04
C THR A 79 6.55 -7.75 -3.32
N GLY A 80 5.63 -8.41 -4.01
CA GLY A 80 5.94 -9.10 -5.24
C GLY A 80 5.64 -8.26 -6.48
N SER A 81 5.63 -8.89 -7.65
CA SER A 81 5.39 -8.17 -8.89
C SER A 81 3.94 -7.78 -9.21
N ILE A 82 3.00 -8.22 -8.39
CA ILE A 82 1.59 -7.87 -8.64
C ILE A 82 1.30 -6.44 -8.19
N ALA A 83 2.19 -5.91 -7.35
CA ALA A 83 2.05 -4.57 -6.80
C ALA A 83 1.76 -3.45 -7.79
N VAL A 84 2.46 -3.43 -8.92
CA VAL A 84 2.24 -2.37 -9.90
C VAL A 84 0.82 -2.31 -10.45
N ASP A 85 0.32 -3.44 -10.95
CA ASP A 85 -1.02 -3.45 -11.51
C ASP A 85 -2.06 -3.15 -10.43
N PHE A 86 -1.89 -3.75 -9.26
CA PHE A 86 -2.82 -3.53 -8.16
C PHE A 86 -2.88 -2.04 -7.82
N ASN A 87 -1.71 -1.42 -7.62
CA ASN A 87 -1.67 0.00 -7.31
C ASN A 87 -2.39 0.80 -8.38
N ARG A 88 -2.20 0.43 -9.64
CA ARG A 88 -2.84 1.12 -10.76
C ARG A 88 -4.36 1.03 -10.65
N ALA A 89 -4.86 -0.20 -10.48
CA ALA A 89 -6.30 -0.44 -10.36
C ALA A 89 -6.95 0.39 -9.23
N VAL A 90 -6.24 0.51 -8.11
CA VAL A 90 -6.72 1.26 -6.95
C VAL A 90 -6.76 2.77 -7.25
N ARG A 91 -5.63 3.26 -7.73
CA ARG A 91 -5.45 4.66 -8.10
C ARG A 91 -6.51 5.13 -9.09
N GLU A 92 -6.88 4.24 -10.01
CA GLU A 92 -7.85 4.54 -11.04
C GLU A 92 -9.22 3.91 -10.83
N PHE A 93 -9.54 3.61 -9.58
CA PHE A 93 -10.83 2.98 -9.25
C PHE A 93 -12.04 3.73 -9.78
N LYS A 94 -12.22 4.96 -9.31
CA LYS A 94 -13.34 5.79 -9.70
C LYS A 94 -13.46 6.00 -11.20
N GLU A 95 -12.36 5.80 -11.93
CA GLU A 95 -12.36 5.98 -13.38
C GLU A 95 -13.12 4.88 -14.12
N ASN A 96 -13.59 3.87 -13.40
CA ASN A 96 -14.35 2.76 -13.96
C ASN A 96 -14.40 1.60 -12.96
N PRO A 97 -15.00 1.84 -11.77
CA PRO A 97 -15.13 0.85 -10.70
C PRO A 97 -15.70 -0.53 -11.09
N GLY A 98 -16.23 -0.64 -12.32
CA GLY A 98 -16.77 -1.89 -12.77
C GLY A 98 -15.71 -2.96 -12.98
N GLN A 99 -14.53 -2.53 -13.43
CA GLN A 99 -13.45 -3.48 -13.69
C GLN A 99 -12.39 -3.53 -12.58
N PHE A 100 -12.83 -3.62 -11.33
CA PHE A 100 -11.88 -3.69 -10.23
C PHE A 100 -11.87 -5.13 -9.73
N HIS A 101 -10.80 -5.84 -10.06
CA HIS A 101 -10.67 -7.23 -9.68
C HIS A 101 -9.63 -7.48 -8.59
N TYR A 102 -9.71 -6.68 -7.54
CA TYR A 102 -8.83 -6.77 -6.37
C TYR A 102 -9.70 -6.49 -5.15
N LYS A 103 -10.98 -6.80 -5.25
CA LYS A 103 -11.91 -6.56 -4.15
C LYS A 103 -11.44 -7.26 -2.89
N ALA A 104 -11.12 -8.55 -2.99
CA ALA A 104 -10.66 -9.29 -1.82
C ALA A 104 -9.21 -8.94 -1.47
N PHE A 105 -8.38 -8.79 -2.50
CA PHE A 105 -6.97 -8.48 -2.28
C PHE A 105 -6.81 -7.19 -1.49
N HIS A 106 -7.50 -6.15 -1.94
CA HIS A 106 -7.46 -4.88 -1.29
C HIS A 106 -7.81 -4.99 0.19
N TYR A 107 -8.90 -5.69 0.49
CA TYR A 107 -9.31 -5.83 1.87
C TYR A 107 -8.27 -6.57 2.73
N TYR A 108 -7.81 -7.73 2.27
CA TYR A 108 -6.83 -8.47 3.04
C TYR A 108 -5.52 -7.69 3.26
N LEU A 109 -5.05 -7.02 2.22
CA LEU A 109 -3.81 -6.25 2.37
C LEU A 109 -4.03 -5.10 3.35
N THR A 110 -5.18 -4.44 3.22
CA THR A 110 -5.51 -3.32 4.11
C THR A 110 -5.56 -3.84 5.55
N ARG A 111 -6.21 -4.98 5.74
CA ARG A 111 -6.35 -5.56 7.06
C ARG A 111 -5.01 -6.02 7.63
N ALA A 112 -4.20 -6.64 6.79
CA ALA A 112 -2.90 -7.09 7.22
C ALA A 112 -2.13 -5.92 7.86
N LEU A 113 -2.01 -4.80 7.14
CA LEU A 113 -1.27 -3.66 7.68
C LEU A 113 -1.91 -3.09 8.94
N GLN A 114 -3.24 -3.03 8.98
CA GLN A 114 -3.93 -2.51 10.15
C GLN A 114 -3.66 -3.40 11.38
N LEU A 115 -3.55 -4.71 11.17
CA LEU A 115 -3.30 -5.65 12.26
C LEU A 115 -1.86 -5.58 12.74
N LEU A 116 -0.92 -5.39 11.82
CA LEU A 116 0.50 -5.32 12.17
C LEU A 116 0.92 -3.94 12.65
N SER A 117 0.00 -2.98 12.55
CA SER A 117 0.28 -1.61 12.96
C SER A 117 0.28 -1.34 14.46
N ASN A 118 1.00 -0.27 14.82
CA ASN A 118 1.12 0.20 16.19
C ASN A 118 1.05 1.72 16.12
N GLY A 119 1.37 2.38 17.22
CA GLY A 119 1.34 3.83 17.20
C GLY A 119 2.57 4.36 16.48
N ASP A 120 3.61 3.55 16.50
CA ASP A 120 4.89 3.88 15.88
C ASP A 120 4.86 4.71 14.60
N CYS A 121 5.69 5.74 14.57
CA CYS A 121 5.83 6.61 13.41
C CYS A 121 7.26 6.40 12.91
N HIS A 122 7.50 6.63 11.62
CA HIS A 122 8.83 6.45 11.07
C HIS A 122 9.25 7.58 10.15
N SER A 123 10.55 7.62 9.88
CA SER A 123 11.12 8.58 8.95
C SER A 123 11.51 7.69 7.80
N VAL A 124 10.77 7.78 6.69
CA VAL A 124 11.05 6.95 5.55
C VAL A 124 11.34 7.74 4.29
N TYR A 125 11.85 7.04 3.28
CA TYR A 125 12.18 7.65 2.01
C TYR A 125 11.61 6.82 0.89
N ARG A 126 11.25 7.48 -0.19
CA ARG A 126 10.70 6.80 -1.35
C ARG A 126 11.25 7.42 -2.63
N GLY A 127 11.76 6.58 -3.51
CA GLY A 127 12.32 7.08 -4.76
C GLY A 127 11.49 6.65 -5.95
N THR A 128 11.44 7.52 -6.97
CA THR A 128 10.70 7.22 -8.17
C THR A 128 11.50 7.72 -9.37
N LYS A 129 11.15 7.25 -10.55
CA LYS A 129 11.81 7.69 -11.77
C LYS A 129 10.83 8.52 -12.60
N THR A 130 9.75 8.93 -11.96
CA THR A 130 8.74 9.76 -12.59
C THR A 130 8.54 10.98 -11.71
N ARG A 131 8.68 12.17 -12.30
CA ARG A 131 8.51 13.42 -11.55
C ARG A 131 7.10 13.55 -11.00
N PHE A 132 7.02 13.92 -9.74
CA PHE A 132 5.74 14.13 -9.08
C PHE A 132 5.55 15.61 -8.81
N HIS A 133 4.41 16.15 -9.22
CA HIS A 133 4.10 17.57 -9.01
C HIS A 133 2.98 17.72 -8.01
N TYR A 134 3.22 18.51 -6.96
CA TYR A 134 2.22 18.78 -5.93
C TYR A 134 1.30 19.86 -6.49
N THR A 135 0.00 19.59 -6.60
CA THR A 135 -0.90 20.59 -7.16
C THR A 135 -1.61 21.50 -6.16
N GLY A 136 -0.92 21.80 -5.06
CA GLY A 136 -1.45 22.68 -4.02
C GLY A 136 -2.86 22.50 -3.50
N ALA A 137 -3.26 21.27 -3.19
CA ALA A 137 -4.60 21.02 -2.68
C ALA A 137 -4.67 21.42 -1.21
N GLY A 138 -3.54 21.36 -0.54
CA GLY A 138 -3.50 21.72 0.88
C GLY A 138 -3.03 20.55 1.73
N SER A 139 -3.21 19.35 1.22
CA SER A 139 -2.80 18.14 1.91
C SER A 139 -2.55 17.05 0.86
N VAL A 140 -2.02 15.90 1.29
CA VAL A 140 -1.72 14.83 0.35
C VAL A 140 -1.94 13.40 0.85
N ARG A 141 -2.41 12.55 -0.05
CA ARG A 141 -2.64 11.13 0.21
C ARG A 141 -2.08 10.43 -1.01
N PHE A 142 -1.43 9.29 -0.83
CA PHE A 142 -0.89 8.56 -1.97
C PHE A 142 -2.00 7.84 -2.72
N GLY A 143 -3.10 7.53 -2.04
CA GLY A 143 -4.20 6.85 -2.68
C GLY A 143 -3.95 5.35 -2.72
N GLN A 144 -2.97 4.95 -3.50
CA GLN A 144 -2.59 3.56 -3.60
C GLN A 144 -1.67 3.25 -2.42
N PHE A 145 -1.49 1.97 -2.11
CA PHE A 145 -0.57 1.61 -1.05
C PHE A 145 0.77 2.04 -1.60
N THR A 146 1.71 2.37 -0.74
CA THR A 146 3.01 2.81 -1.24
C THR A 146 4.16 2.35 -0.37
N SER A 147 5.17 1.78 -1.02
CA SER A 147 6.32 1.28 -0.30
C SER A 147 7.36 2.36 -0.13
N SER A 148 8.22 2.18 0.86
CA SER A 148 9.29 3.13 1.18
C SER A 148 10.36 2.36 1.93
N SER A 149 11.38 3.08 2.37
CA SER A 149 12.47 2.46 3.12
C SER A 149 13.02 3.37 4.21
N LEU A 150 13.36 2.77 5.35
CA LEU A 150 13.91 3.53 6.47
C LEU A 150 15.24 4.12 6.03
N SER A 151 15.84 3.52 5.01
CA SER A 151 17.11 3.98 4.47
C SER A 151 16.94 4.89 3.26
N LYS A 152 17.52 6.07 3.34
CA LYS A 152 17.47 7.02 2.24
C LYS A 152 18.34 6.47 1.11
N LYS A 153 19.33 5.66 1.49
CA LYS A 153 20.25 5.04 0.55
C LYS A 153 19.48 4.16 -0.44
N VAL A 154 18.59 3.34 0.09
CA VAL A 154 17.79 2.44 -0.73
C VAL A 154 16.91 3.24 -1.69
N ALA A 155 16.13 4.15 -1.13
CA ALA A 155 15.23 4.99 -1.90
C ALA A 155 15.92 5.68 -3.07
N GLN A 156 17.21 5.96 -2.93
CA GLN A 156 17.95 6.65 -3.99
C GLN A 156 18.70 5.72 -4.92
N SER A 157 18.75 4.43 -4.61
CA SER A 157 19.44 3.48 -5.46
C SER A 157 18.82 3.44 -6.86
N GLN A 158 19.65 3.10 -7.85
CA GLN A 158 19.20 3.02 -9.24
C GLN A 158 17.99 2.09 -9.39
N GLU A 159 17.64 1.41 -8.31
CA GLU A 159 16.49 0.52 -8.34
C GLU A 159 15.17 1.28 -8.39
N PHE A 160 15.08 2.35 -7.61
CA PHE A 160 13.85 3.13 -7.55
C PHE A 160 13.92 4.59 -7.99
N PHE A 161 15.11 5.20 -7.93
CA PHE A 161 15.25 6.62 -8.25
C PHE A 161 16.09 6.96 -9.47
N SER A 162 15.90 8.19 -9.97
CA SER A 162 16.62 8.73 -11.11
C SER A 162 16.38 10.24 -11.18
N ASP A 163 17.28 10.95 -11.85
CA ASP A 163 17.16 12.41 -11.98
C ASP A 163 15.79 12.81 -12.54
N HIS A 164 15.19 11.96 -13.38
CA HIS A 164 13.88 12.28 -13.94
C HIS A 164 12.76 12.10 -12.92
N GLY A 165 13.10 11.57 -11.75
CA GLY A 165 12.06 11.32 -10.75
C GLY A 165 12.00 12.20 -9.51
N THR A 166 11.46 11.62 -8.45
CA THR A 166 11.29 12.32 -7.20
C THR A 166 11.71 11.51 -5.96
N LEU A 167 12.20 12.21 -4.96
CA LEU A 167 12.60 11.59 -3.70
C LEU A 167 11.68 12.11 -2.61
N PHE A 168 10.83 11.24 -2.07
CA PHE A 168 9.93 11.64 -1.01
C PHE A 168 10.57 11.42 0.34
N ILE A 169 10.55 12.45 1.19
CA ILE A 169 11.06 12.32 2.54
C ILE A 169 9.77 12.38 3.33
N ILE A 170 9.38 11.23 3.85
CA ILE A 170 8.12 11.08 4.55
C ILE A 170 8.19 10.78 6.04
N LYS A 171 7.25 11.35 6.77
CA LYS A 171 7.12 11.12 8.20
C LYS A 171 5.75 10.46 8.28
N THR A 172 5.73 9.15 8.50
CA THR A 172 4.49 8.40 8.57
C THR A 172 4.21 7.75 9.93
N CYS A 173 2.93 7.63 10.27
CA CYS A 173 2.55 7.02 11.53
C CYS A 173 1.60 5.83 11.30
N LEU A 174 1.31 5.51 10.05
CA LEU A 174 0.45 4.38 9.74
C LEU A 174 1.27 3.36 8.97
N GLY A 175 2.51 3.74 8.65
CA GLY A 175 3.40 2.84 7.92
C GLY A 175 3.77 1.64 8.76
N VAL A 176 4.06 0.53 8.11
CA VAL A 176 4.42 -0.68 8.85
C VAL A 176 5.71 -1.28 8.36
N TYR A 177 6.60 -1.58 9.29
CA TYR A 177 7.88 -2.21 8.97
C TYR A 177 7.54 -3.66 8.69
N ILE A 178 7.73 -4.09 7.44
CA ILE A 178 7.40 -5.45 7.04
C ILE A 178 8.60 -6.19 6.46
N LYS A 179 9.70 -6.21 7.20
CA LYS A 179 10.92 -6.88 6.75
C LYS A 179 10.76 -8.34 6.36
N GLU A 180 10.35 -9.17 7.33
CA GLU A 180 10.19 -10.60 7.11
C GLU A 180 9.31 -10.97 5.92
N PHE A 181 8.36 -10.11 5.58
CA PHE A 181 7.45 -10.34 4.45
C PHE A 181 8.07 -10.11 3.08
N SER A 182 8.91 -9.10 2.98
CA SER A 182 9.54 -8.76 1.71
C SER A 182 10.40 -9.86 1.11
N PHE A 183 10.71 -9.71 -0.18
CA PHE A 183 11.55 -10.68 -0.87
C PHE A 183 13.03 -10.33 -0.65
N ARG A 184 13.28 -9.13 -0.13
CA ARG A 184 14.65 -8.65 0.12
C ARG A 184 15.48 -9.59 0.99
N PRO A 185 15.60 -9.33 2.31
CA PRO A 185 15.11 -8.26 3.20
C PRO A 185 16.19 -7.25 3.59
N ASP A 186 16.63 -6.43 2.64
CA ASP A 186 17.67 -5.45 2.93
C ASP A 186 17.27 -4.02 2.56
N GLN A 187 16.05 -3.86 2.05
CA GLN A 187 15.57 -2.54 1.66
C GLN A 187 14.79 -1.82 2.76
N GLU A 188 14.80 -2.37 3.97
CA GLU A 188 14.12 -1.77 5.12
C GLU A 188 12.75 -1.20 4.74
N ILE A 189 11.93 -2.00 4.09
CA ILE A 189 10.63 -1.53 3.65
C ILE A 189 9.62 -1.20 4.73
N VAL A 190 8.92 -0.08 4.54
CA VAL A 190 7.86 0.34 5.43
C VAL A 190 6.67 0.51 4.48
N LEU A 191 5.58 -0.21 4.73
CA LEU A 191 4.43 -0.13 3.86
C LEU A 191 3.42 0.88 4.41
N ILE A 192 3.11 1.87 3.57
CA ILE A 192 2.20 2.95 3.92
C ILE A 192 0.83 2.85 3.27
N PRO A 193 -0.25 2.90 4.06
CA PRO A 193 -1.60 2.81 3.49
C PRO A 193 -1.89 4.09 2.68
N GLY A 194 -2.61 3.95 1.58
CA GLY A 194 -2.90 5.08 0.73
C GLY A 194 -3.80 6.13 1.33
N TYR A 195 -4.47 5.81 2.44
CA TYR A 195 -5.38 6.75 3.06
C TYR A 195 -4.75 7.65 4.13
N GLU A 196 -3.46 7.49 4.37
CA GLU A 196 -2.83 8.36 5.34
C GLU A 196 -2.75 9.75 4.71
N VAL A 197 -2.96 10.78 5.52
CA VAL A 197 -2.93 12.15 5.03
C VAL A 197 -1.76 12.94 5.61
N TYR A 198 -1.07 13.67 4.74
CA TYR A 198 0.05 14.49 5.18
C TYR A 198 -0.46 15.93 5.13
N GLN A 199 -0.55 16.54 6.31
CA GLN A 199 -1.04 17.90 6.42
C GLN A 199 -0.01 18.94 6.02
N LYS A 200 1.27 18.57 6.07
CA LYS A 200 2.34 19.47 5.69
C LYS A 200 3.04 18.94 4.45
N VAL A 201 2.98 19.73 3.38
CA VAL A 201 3.57 19.34 2.11
C VAL A 201 4.60 20.38 1.70
N ARG A 202 5.82 19.94 1.36
CA ARG A 202 6.85 20.89 0.94
C ARG A 202 7.79 20.38 -0.12
N THR A 203 7.81 21.09 -1.24
CA THR A 203 8.68 20.75 -2.35
C THR A 203 9.97 21.51 -2.21
N GLN A 204 11.07 20.81 -2.43
CA GLN A 204 12.39 21.40 -2.34
C GLN A 204 13.16 21.05 -3.59
N GLY A 205 13.59 22.08 -4.32
CA GLY A 205 14.31 21.85 -5.55
C GLY A 205 13.37 21.28 -6.58
N TYR A 206 13.91 20.61 -7.59
CA TYR A 206 13.08 20.05 -8.63
C TYR A 206 12.58 18.63 -8.36
N ASN A 207 13.29 17.87 -7.51
CA ASN A 207 12.85 16.52 -7.27
C ASN A 207 12.87 15.99 -5.83
N GLU A 208 12.60 16.87 -4.88
CA GLU A 208 12.51 16.43 -3.50
C GLU A 208 11.18 16.92 -2.93
N ILE A 209 10.52 16.04 -2.19
CA ILE A 209 9.24 16.39 -1.59
C ILE A 209 9.20 15.84 -0.18
N PHE A 210 8.92 16.74 0.77
CA PHE A 210 8.82 16.38 2.18
C PHE A 210 7.36 16.30 2.57
N LEU A 211 6.99 15.22 3.26
CA LEU A 211 5.61 15.07 3.68
C LEU A 211 5.60 14.91 5.19
N ASP A 212 4.88 15.79 5.87
CA ASP A 212 4.81 15.80 7.32
C ASP A 212 3.42 15.98 7.91
N SER A 213 3.36 15.92 9.23
CA SER A 213 2.11 16.05 9.97
C SER A 213 1.13 14.99 9.53
N PRO A 214 1.55 13.71 9.54
CA PRO A 214 0.65 12.63 9.13
C PRO A 214 -0.58 12.59 10.02
N LYS A 215 -1.70 12.16 9.46
CA LYS A 215 -2.93 12.08 10.22
C LYS A 215 -3.87 11.08 9.57
N ARG A 216 -4.71 10.46 10.40
CA ARG A 216 -5.66 9.50 9.87
C ARG A 216 -7.00 10.20 9.70
N LYS A 217 -7.52 10.19 8.49
CA LYS A 217 -8.81 10.80 8.22
C LYS A 217 -9.71 9.76 7.58
N LYS A 218 -10.99 10.09 7.52
CA LYS A 218 -11.99 9.21 6.93
C LYS A 218 -11.69 9.08 5.45
N SER A 219 -12.15 7.99 4.84
CA SER A 219 -11.95 7.78 3.41
C SER A 219 -13.21 8.12 2.64
N ASN A 220 -13.08 8.23 1.32
CA ASN A 220 -14.22 8.54 0.48
C ASN A 220 -15.09 7.31 0.30
N TYR A 221 -14.47 6.14 0.42
CA TYR A 221 -15.17 4.87 0.29
C TYR A 221 -15.04 4.15 1.63
N ASN A 222 -16.10 3.45 2.02
CA ASN A 222 -16.06 2.68 3.26
C ASN A 222 -16.94 1.44 3.11
N CYS A 223 -16.36 0.28 3.37
CA CYS A 223 -17.09 -0.98 3.27
C CYS A 223 -17.88 -1.09 1.97
N LEU A 224 -17.29 -0.67 0.86
CA LEU A 224 -17.96 -0.72 -0.44
C LEU A 224 -18.44 -2.11 -0.87
N TYR A 225 -17.66 -3.13 -0.59
CA TYR A 225 -18.02 -4.49 -0.98
C TYR A 225 -18.51 -5.37 0.16
N SER A 226 -18.87 -4.76 1.28
CA SER A 226 -19.35 -5.52 2.45
C SER A 226 -20.80 -5.96 2.34
#